data_1OCY
#
_entry.id   1OCY
#
_cell.length_a   50.782
_cell.length_b   50.782
_cell.length_c   435.647
_cell.angle_alpha   90.00
_cell.angle_beta   90.00
_cell.angle_gamma   120.00
#
_symmetry.space_group_name_H-M   'P 3 2 1'
#
loop_
_entity.id
_entity.type
_entity.pdbx_description
1 polymer 'BACTERIOPHAGE T4 SHORT TAIL FIBRE'
2 non-polymer 'CITRIC ACID'
3 non-polymer 'SULFATE ION'
4 non-polymer 'ZINC ION'
5 water water
#
_entity_poly.entity_id   1
_entity_poly.type   'polypeptide(L)'
_entity_poly.pdbx_seq_one_letter_code
;RVVTQNEIDRTIPVGAIMMWAADSLPSDAWRFCHGGTVSASDCPLYASRIGTRYGGSSSNPGLPDMRGLFVRGSGRGSHL
TNPNVNGNDQFGKPRLGVGCTGGYVGEVQKQQMSYHKHAGGFGEYDDSGAFGNTRRSNFVGTRKGLDWDNRSYFTNDGYE
IDPASQRNSRYTLNRPELIGNETRPWNISLNYIIKVKE
;
_entity_poly.pdbx_strand_id   A
#
# COMPACT_ATOMS: atom_id res chain seq x y z
N ARG A 1 30.72 30.91 14.39
CA ARG A 1 29.56 31.83 14.67
C ARG A 1 28.61 31.19 15.67
N VAL A 2 28.10 31.98 16.59
CA VAL A 2 27.21 31.48 17.64
C VAL A 2 25.75 31.35 17.14
N VAL A 3 25.07 30.30 17.57
CA VAL A 3 23.74 29.99 17.06
C VAL A 3 22.62 30.56 17.95
N THR A 4 21.67 31.20 17.30
CA THR A 4 20.51 31.78 18.00
C THR A 4 19.24 30.95 17.78
N GLN A 5 18.23 31.23 18.59
CA GLN A 5 16.99 30.46 18.66
C GLN A 5 16.19 30.37 17.35
N ASN A 6 16.30 31.37 16.47
CA ASN A 6 15.57 31.37 15.20
C ASN A 6 16.05 30.28 14.24
N GLU A 7 17.25 29.77 14.48
CA GLU A 7 17.82 28.72 13.65
C GLU A 7 17.30 27.33 14.03
N ILE A 8 16.63 27.21 15.18
CA ILE A 8 16.07 25.92 15.60
C ILE A 8 15.00 25.46 14.61
N ASP A 9 13.98 26.29 14.40
CA ASP A 9 12.88 25.92 13.52
C ASP A 9 13.34 25.80 12.08
N ARG A 10 14.36 26.57 11.74
CA ARG A 10 14.98 26.45 10.45
C ARG A 10 15.54 25.05 10.23
N THR A 11 16.25 24.53 11.24
CA THR A 11 16.93 23.25 11.11
C THR A 11 15.92 22.09 11.10
N ILE A 12 14.95 22.10 12.02
CA ILE A 12 13.86 21.12 11.99
C ILE A 12 12.53 21.84 12.23
N PRO A 13 11.80 22.14 11.17
CA PRO A 13 10.53 22.88 11.35
C PRO A 13 9.45 22.08 12.06
N VAL A 14 8.73 22.76 12.94
CA VAL A 14 7.53 22.17 13.52
C VAL A 14 6.59 21.75 12.39
N GLY A 15 6.07 20.51 12.46
CA GLY A 15 5.32 19.92 11.34
C GLY A 15 6.05 18.77 10.66
N ALA A 16 7.36 18.68 10.91
CA ALA A 16 8.17 17.64 10.29
C ALA A 16 7.96 16.29 10.98
N ILE A 17 8.07 15.22 10.19
CA ILE A 17 7.88 13.85 10.69
C ILE A 17 9.09 13.01 10.37
N MET A 18 9.56 12.25 11.37
CA MET A 18 10.59 11.26 11.11
C MET A 18 10.25 9.99 11.88
N MET A 19 11.20 9.07 11.95
CA MET A 19 10.97 7.77 12.58
C MET A 19 11.72 7.70 13.91
N TRP A 20 11.31 6.76 14.74
CA TRP A 20 11.84 6.64 16.10
C TRP A 20 11.99 5.17 16.41
N ALA A 21 13.16 4.82 16.96
CA ALA A 21 13.55 3.42 17.12
C ALA A 21 13.26 2.81 18.49
N ALA A 22 12.51 3.54 19.34
CA ALA A 22 12.16 3.02 20.66
C ALA A 22 10.71 3.29 21.02
N ASP A 23 10.33 3.04 22.27
CA ASP A 23 8.93 3.12 22.67
C ASP A 23 8.52 4.35 23.45
N SER A 24 9.49 5.13 23.91
CA SER A 24 9.17 6.39 24.58
C SER A 24 10.05 7.50 24.10
N LEU A 25 9.61 8.74 24.32
CA LEU A 25 10.37 9.91 23.83
C LEU A 25 11.02 10.67 24.99
N PRO A 26 12.22 11.21 24.78
CA PRO A 26 12.94 11.90 25.88
C PRO A 26 12.53 13.36 26.15
N SER A 27 11.79 13.99 25.24
CA SER A 27 11.39 15.39 25.45
C SER A 27 10.07 15.70 24.77
N ASP A 28 9.45 16.77 25.21
CA ASP A 28 8.15 17.14 24.70
C ASP A 28 8.22 17.97 23.44
N ALA A 29 9.41 18.11 22.84
CA ALA A 29 9.53 18.80 21.54
C ALA A 29 8.87 17.97 20.44
N TRP A 30 8.87 16.65 20.62
CA TRP A 30 8.29 15.71 19.63
C TRP A 30 7.16 14.94 20.27
N ARG A 31 6.20 14.49 19.45
CA ARG A 31 5.14 13.60 19.92
C ARG A 31 5.01 12.42 18.97
N PHE A 32 4.51 11.30 19.49
CA PHE A 32 4.21 10.17 18.56
C PHE A 32 3.03 10.47 17.64
N CYS A 33 3.11 9.96 16.43
CA CYS A 33 1.94 9.99 15.54
C CYS A 33 1.03 8.80 15.87
N HIS A 34 0.39 8.91 17.03
CA HIS A 34 -0.54 7.86 17.49
C HIS A 34 -1.95 8.44 17.66
N GLY A 35 -2.23 9.56 17.01
CA GLY A 35 -3.56 10.14 17.05
C GLY A 35 -3.93 10.91 18.29
N GLY A 36 -2.93 11.31 19.08
CA GLY A 36 -3.27 12.22 20.20
C GLY A 36 -3.68 13.64 19.80
N THR A 37 -3.63 14.54 20.80
CA THR A 37 -3.70 15.98 20.52
C THR A 37 -2.56 16.70 21.23
N VAL A 38 -2.32 17.93 20.80
CA VAL A 38 -1.43 18.83 21.53
C VAL A 38 -2.25 20.04 21.95
N SER A 39 -1.72 20.78 22.93
CA SER A 39 -2.33 22.06 23.30
C SER A 39 -1.82 23.17 22.37
N ALA A 40 -2.73 23.98 21.81
CA ALA A 40 -2.33 25.09 20.95
C ALA A 40 -1.49 26.15 21.65
N SER A 41 -1.75 26.36 22.93
CA SER A 41 -0.94 27.34 23.67
C SER A 41 0.47 26.81 23.95
N ASP A 42 0.58 25.51 24.20
CA ASP A 42 1.87 24.81 24.38
C ASP A 42 2.64 24.77 23.05
N CYS A 43 1.90 24.60 21.95
CA CYS A 43 2.48 24.34 20.61
C CYS A 43 1.92 25.28 19.55
N PRO A 44 2.16 26.58 19.67
CA PRO A 44 1.55 27.55 18.77
C PRO A 44 1.92 27.43 17.29
N LEU A 45 3.15 26.97 16.99
CA LEU A 45 3.53 26.82 15.58
C LEU A 45 2.86 25.58 14.98
N TYR A 46 2.63 24.55 15.80
CA TYR A 46 1.90 23.40 15.31
C TYR A 46 0.46 23.82 15.05
N ALA A 47 -0.13 24.55 15.98
CA ALA A 47 -1.48 25.02 15.81
C ALA A 47 -1.63 25.88 14.54
N SER A 48 -0.66 26.77 14.28
CA SER A 48 -0.77 27.63 13.09
C SER A 48 -0.45 26.93 11.77
N ARG A 49 0.52 26.01 11.75
CA ARG A 49 0.93 25.36 10.50
C ARG A 49 0.07 24.17 10.13
N ILE A 50 -0.40 23.45 11.14
CA ILE A 50 -1.11 22.19 10.92
C ILE A 50 -2.59 22.32 11.22
N GLY A 51 -2.92 23.11 12.23
CA GLY A 51 -4.31 23.32 12.59
C GLY A 51 -5.03 22.03 12.90
N THR A 52 -6.23 21.87 12.35
CA THR A 52 -7.06 20.69 12.63
C THR A 52 -7.06 19.68 11.47
N ARG A 53 -6.05 19.74 10.62
CA ARG A 53 -6.10 18.83 9.49
C ARG A 53 -6.03 17.35 9.87
N TYR A 54 -5.43 17.03 11.01
CA TYR A 54 -5.43 15.66 11.52
C TYR A 54 -6.41 15.49 12.67
N GLY A 55 -7.41 16.36 12.73
CA GLY A 55 -8.42 16.20 13.76
C GLY A 55 -8.23 17.13 14.95
N GLY A 56 -8.86 16.79 16.06
CA GLY A 56 -8.81 17.68 17.21
C GLY A 56 -9.62 18.96 16.99
N SER A 57 -9.18 20.00 17.66
CA SER A 57 -9.86 21.30 17.63
C SER A 57 -8.79 22.39 17.51
N SER A 58 -9.22 23.63 17.26
CA SER A 58 -8.22 24.71 17.20
C SER A 58 -7.45 24.87 18.51
N SER A 59 -8.13 24.64 19.64
CA SER A 59 -7.47 24.74 20.94
C SER A 59 -6.59 23.54 21.25
N ASN A 60 -6.95 22.38 20.70
CA ASN A 60 -6.19 21.16 20.92
C ASN A 60 -6.04 20.40 19.59
N PRO A 61 -5.15 20.87 18.74
CA PRO A 61 -4.96 20.26 17.41
C PRO A 61 -4.61 18.77 17.43
N GLY A 62 -5.15 18.01 16.49
CA GLY A 62 -4.88 16.60 16.42
C GLY A 62 -3.51 16.28 15.83
N LEU A 63 -2.96 15.17 16.30
CA LEU A 63 -1.75 14.55 15.75
C LEU A 63 -2.15 13.46 14.73
N PRO A 64 -1.32 13.23 13.71
CA PRO A 64 -1.59 12.10 12.81
C PRO A 64 -1.62 10.77 13.58
N ASP A 65 -2.42 9.81 13.10
CA ASP A 65 -2.38 8.45 13.64
C ASP A 65 -1.85 7.52 12.56
N MET A 66 -0.53 7.37 12.57
CA MET A 66 0.16 6.59 11.56
C MET A 66 0.43 5.15 11.99
N ARG A 67 -0.16 4.72 13.10
CA ARG A 67 0.07 3.35 13.57
C ARG A 67 -0.47 2.35 12.54
N GLY A 68 0.40 1.43 12.12
CA GLY A 68 0.11 0.40 11.13
C GLY A 68 0.31 0.87 9.69
N LEU A 69 0.55 2.17 9.46
CA LEU A 69 0.54 2.66 8.07
C LEU A 69 1.94 2.79 7.48
N PHE A 70 2.03 2.50 6.19
CA PHE A 70 3.20 2.88 5.38
C PHE A 70 3.03 4.34 4.94
N VAL A 71 4.10 4.92 4.38
CA VAL A 71 4.04 6.30 3.87
C VAL A 71 4.42 6.32 2.40
N ARG A 72 3.63 7.05 1.60
CA ARG A 72 4.06 7.35 0.25
C ARG A 72 4.02 8.86 0.02
N GLY A 73 4.76 9.31 -0.98
CA GLY A 73 4.70 10.74 -1.33
C GLY A 73 3.31 11.11 -1.83
N SER A 74 2.79 12.24 -1.37
CA SER A 74 1.57 12.80 -1.97
C SER A 74 1.77 13.13 -3.45
N GLY A 75 0.68 13.15 -4.22
CA GLY A 75 0.79 13.51 -5.61
C GLY A 75 1.33 12.43 -6.50
N ARG A 76 1.73 12.84 -7.69
CA ARG A 76 2.16 11.89 -8.72
C ARG A 76 3.28 12.55 -9.53
N GLY A 77 4.49 12.05 -9.36
CA GLY A 77 5.69 12.71 -9.91
C GLY A 77 6.23 12.05 -11.16
N SER A 78 7.40 12.53 -11.59
CA SER A 78 7.96 12.14 -12.89
C SER A 78 8.14 10.65 -13.10
N HIS A 79 8.39 9.90 -12.02
CA HIS A 79 8.61 8.45 -12.18
C HIS A 79 7.31 7.73 -12.51
N LEU A 80 6.19 8.35 -12.14
CA LEU A 80 4.87 7.77 -12.40
C LEU A 80 4.21 8.36 -13.63
N THR A 81 4.53 9.62 -13.97
CA THR A 81 3.90 10.23 -15.14
C THR A 81 4.66 10.02 -16.44
N ASN A 82 5.88 9.51 -16.37
CA ASN A 82 6.66 9.26 -17.59
C ASN A 82 5.81 8.49 -18.61
N PRO A 83 5.65 8.98 -19.82
CA PRO A 83 4.84 8.26 -20.83
C PRO A 83 5.31 6.81 -21.00
N ASN A 84 6.58 6.51 -20.75
CA ASN A 84 7.04 5.15 -20.98
C ASN A 84 6.57 4.13 -19.91
N VAL A 85 5.88 4.61 -18.88
CA VAL A 85 5.20 3.68 -17.92
C VAL A 85 3.70 3.91 -17.88
N ASN A 86 3.19 4.62 -18.89
CA ASN A 86 1.75 4.81 -19.03
C ASN A 86 1.28 4.33 -20.41
N GLY A 87 -0.01 4.43 -20.67
CA GLY A 87 -0.54 3.88 -21.89
C GLY A 87 -0.51 2.35 -21.89
N ASN A 88 -0.82 1.78 -23.05
CA ASN A 88 -0.84 0.32 -23.20
C ASN A 88 0.37 -0.18 -23.90
N ASP A 89 0.83 -1.37 -23.53
CA ASP A 89 1.96 -1.97 -24.23
C ASP A 89 1.54 -2.62 -25.54
N GLN A 90 2.48 -3.31 -26.20
CA GLN A 90 2.17 -3.88 -27.55
C GLN A 90 1.10 -4.99 -27.54
N PHE A 91 0.76 -5.49 -26.36
CA PHE A 91 -0.27 -6.53 -26.18
C PHE A 91 -1.58 -5.94 -25.66
N GLY A 92 -1.63 -4.60 -25.61
CA GLY A 92 -2.81 -3.88 -25.17
C GLY A 92 -2.98 -3.83 -23.64
N LYS A 93 -1.92 -4.19 -22.91
CA LYS A 93 -2.05 -4.17 -21.43
C LYS A 93 -1.51 -2.87 -20.84
N PRO A 94 -2.23 -2.23 -19.92
CA PRO A 94 -1.73 -0.99 -19.32
C PRO A 94 -0.36 -1.15 -18.63
N ARG A 95 0.55 -0.23 -18.92
CA ARG A 95 1.87 -0.24 -18.27
C ARG A 95 1.75 0.04 -16.78
N LEU A 96 2.84 -0.20 -16.05
CA LEU A 96 2.69 -0.33 -14.60
C LEU A 96 2.49 0.98 -13.85
N GLY A 97 2.67 2.14 -14.48
CA GLY A 97 2.30 3.41 -13.85
C GLY A 97 0.82 3.71 -13.85
N VAL A 98 0.06 3.05 -14.72
CA VAL A 98 -1.34 3.46 -14.89
C VAL A 98 -2.14 3.24 -13.61
N GLY A 99 -2.84 4.30 -13.18
CA GLY A 99 -3.69 4.16 -12.00
C GLY A 99 -2.94 4.26 -10.68
N CYS A 100 -1.66 4.63 -10.71
CA CYS A 100 -0.84 4.70 -9.50
C CYS A 100 -0.54 6.13 -9.14
N THR A 101 -0.95 6.54 -7.95
CA THR A 101 -0.75 7.91 -7.49
C THR A 101 -0.76 8.00 -5.98
N GLY A 102 -0.03 8.97 -5.43
CA GLY A 102 -0.24 9.35 -4.04
C GLY A 102 -1.49 10.21 -3.95
N GLY A 103 -1.98 10.38 -2.73
CA GLY A 103 -3.15 11.21 -2.48
C GLY A 103 -2.77 12.64 -2.12
N TYR A 104 -3.73 13.35 -1.53
CA TYR A 104 -3.41 14.64 -0.93
C TYR A 104 -2.67 14.43 0.40
N VAL A 105 -2.06 15.49 0.93
CA VAL A 105 -1.27 15.34 2.15
C VAL A 105 -2.17 14.97 3.34
N GLY A 106 -1.92 13.80 3.93
CA GLY A 106 -2.74 13.26 5.01
C GLY A 106 -3.77 12.23 4.55
N GLU A 107 -3.92 12.05 3.23
CA GLU A 107 -4.93 11.10 2.74
C GLU A 107 -4.47 9.67 3.02
N VAL A 108 -5.41 8.82 3.47
CA VAL A 108 -5.09 7.40 3.69
C VAL A 108 -5.73 6.53 2.62
N GLN A 109 -4.92 5.60 2.10
CA GLN A 109 -5.36 4.64 1.07
C GLN A 109 -5.39 3.25 1.68
N LYS A 110 -6.37 2.45 1.28
CA LYS A 110 -6.45 1.02 1.70
C LYS A 110 -5.50 0.15 0.87
N GLN A 111 -5.17 -1.03 1.40
CA GLN A 111 -4.43 -2.01 0.62
C GLN A 111 -5.15 -2.30 -0.71
N GLN A 112 -4.35 -2.66 -1.71
CA GLN A 112 -4.85 -2.98 -3.05
C GLN A 112 -3.86 -3.86 -3.76
N MET A 113 -4.38 -4.64 -4.70
CA MET A 113 -3.51 -5.40 -5.61
C MET A 113 -3.94 -5.15 -7.04
N SER A 114 -2.96 -5.17 -7.96
CA SER A 114 -3.37 -5.00 -9.35
C SER A 114 -4.20 -6.21 -9.79
N TYR A 115 -5.19 -5.93 -10.64
CA TYR A 115 -5.80 -7.00 -11.45
C TYR A 115 -4.72 -7.77 -12.20
N HIS A 116 -5.00 -9.05 -12.42
CA HIS A 116 -4.03 -9.94 -13.08
C HIS A 116 -4.79 -11.27 -13.34
N LYS A 117 -4.21 -12.08 -14.20
CA LYS A 117 -4.78 -13.37 -14.60
C LYS A 117 -3.77 -14.49 -14.38
N HIS A 118 -4.31 -15.71 -14.36
CA HIS A 118 -3.49 -16.93 -14.37
C HIS A 118 -3.98 -17.84 -15.51
N ALA A 119 -3.09 -18.68 -16.03
CA ALA A 119 -3.51 -19.70 -16.98
C ALA A 119 -4.24 -20.82 -16.24
N GLY A 120 -5.39 -21.23 -16.77
CA GLY A 120 -6.18 -22.26 -16.08
C GLY A 120 -5.71 -23.67 -16.28
N GLY A 121 -6.17 -24.53 -15.39
CA GLY A 121 -5.83 -25.96 -15.43
C GLY A 121 -6.73 -26.78 -16.35
N PHE A 122 -7.54 -26.11 -17.20
CA PHE A 122 -8.40 -26.81 -18.14
C PHE A 122 -8.66 -25.86 -19.34
N GLY A 123 -9.06 -26.42 -20.46
CA GLY A 123 -9.36 -25.60 -21.64
C GLY A 123 -9.76 -26.48 -22.78
N GLU A 124 -9.83 -25.89 -23.97
CA GLU A 124 -10.37 -26.61 -25.14
C GLU A 124 -9.60 -26.20 -26.36
N TYR A 125 -9.98 -26.74 -27.54
CA TYR A 125 -9.17 -26.51 -28.73
C TYR A 125 -9.40 -25.15 -29.31
N ASP A 126 -10.65 -24.68 -29.32
CA ASP A 126 -10.92 -23.40 -29.97
C ASP A 126 -10.27 -22.24 -29.26
N ASP A 127 -9.97 -21.20 -30.03
CA ASP A 127 -9.33 -19.99 -29.53
C ASP A 127 -10.40 -19.09 -28.98
N SER A 128 -11.02 -19.54 -27.89
CA SER A 128 -12.25 -18.91 -27.44
C SER A 128 -12.40 -18.81 -25.94
N GLY A 129 -11.31 -18.90 -25.21
CA GLY A 129 -11.38 -18.71 -23.75
C GLY A 129 -12.02 -17.35 -23.48
N ALA A 130 -12.98 -17.29 -22.53
CA ALA A 130 -13.65 -16.04 -22.19
C ALA A 130 -12.73 -14.90 -21.84
N PHE A 131 -11.58 -15.25 -21.23
CA PHE A 131 -10.62 -14.26 -20.72
C PHE A 131 -9.25 -14.43 -21.38
N GLY A 132 -9.22 -15.11 -22.53
CA GLY A 132 -7.97 -15.37 -23.22
C GLY A 132 -7.52 -16.81 -23.04
N ASN A 133 -6.42 -17.17 -23.73
CA ASN A 133 -5.93 -18.57 -23.67
C ASN A 133 -4.55 -18.68 -24.20
N THR A 134 -3.92 -19.81 -23.94
CA THR A 134 -2.58 -20.05 -24.53
C THR A 134 -2.72 -20.55 -25.97
N ARG A 135 -1.55 -20.75 -26.58
CA ARG A 135 -1.47 -21.57 -27.78
C ARG A 135 -1.79 -23.05 -27.44
N ARG A 136 -2.12 -23.82 -28.46
CA ARG A 136 -2.35 -25.28 -28.22
C ARG A 136 -1.04 -25.98 -27.86
N SER A 137 -1.07 -26.87 -26.87
CA SER A 137 0.14 -27.62 -26.46
C SER A 137 -0.32 -28.78 -25.60
N ASN A 138 0.50 -29.20 -24.64
CA ASN A 138 0.20 -30.33 -23.75
C ASN A 138 -0.75 -29.90 -22.60
N PHE A 139 -2.02 -29.65 -22.95
CA PHE A 139 -3.00 -29.16 -21.97
C PHE A 139 -4.28 -29.98 -22.07
N VAL A 140 -4.83 -30.34 -20.92
CA VAL A 140 -6.05 -31.16 -20.88
C VAL A 140 -7.35 -30.42 -21.28
N GLY A 141 -8.29 -31.16 -21.84
CA GLY A 141 -9.62 -30.62 -22.12
C GLY A 141 -10.49 -31.77 -22.55
N THR A 142 -11.75 -31.48 -22.88
CA THR A 142 -12.65 -32.53 -23.40
C THR A 142 -13.06 -32.24 -24.85
N ARG A 143 -13.27 -33.31 -25.63
CA ARG A 143 -13.80 -33.15 -26.99
C ARG A 143 -15.32 -33.32 -27.02
N LYS A 144 -15.90 -33.70 -25.88
CA LYS A 144 -17.33 -34.03 -25.88
C LYS A 144 -18.21 -32.99 -25.20
N GLY A 145 -19.41 -32.77 -25.76
CA GLY A 145 -20.45 -32.09 -25.00
C GLY A 145 -20.30 -30.60 -24.73
N LEU A 146 -19.47 -29.88 -25.50
CA LEU A 146 -19.33 -28.42 -25.25
C LEU A 146 -20.53 -27.54 -25.61
N ASP A 147 -20.89 -26.64 -24.69
CA ASP A 147 -21.82 -25.59 -25.00
C ASP A 147 -21.39 -24.29 -24.30
N TRP A 148 -22.09 -23.21 -24.61
CA TRP A 148 -21.62 -21.87 -24.29
C TRP A 148 -22.61 -21.06 -23.50
N ASP A 149 -23.40 -21.73 -22.69
CA ASP A 149 -24.37 -21.01 -21.88
C ASP A 149 -24.27 -21.38 -20.38
N ASN A 150 -23.05 -21.67 -19.94
CA ASN A 150 -22.77 -22.15 -18.58
C ASN A 150 -22.37 -20.99 -17.67
N ARG A 151 -21.95 -21.32 -16.46
CA ARG A 151 -21.34 -20.34 -15.53
C ARG A 151 -19.80 -20.47 -15.66
N SER A 152 -19.10 -19.44 -15.22
CA SER A 152 -17.68 -19.54 -14.94
C SER A 152 -17.52 -19.98 -13.48
N TYR A 153 -16.77 -21.05 -13.26
CA TYR A 153 -16.50 -21.50 -11.88
C TYR A 153 -15.24 -20.80 -11.35
N PHE A 154 -15.36 -20.23 -10.15
CA PHE A 154 -14.27 -19.47 -9.53
C PHE A 154 -13.09 -20.38 -9.16
N THR A 155 -11.89 -19.79 -9.20
CA THR A 155 -10.77 -20.39 -8.46
C THR A 155 -10.96 -20.25 -6.96
N ASN A 156 -10.12 -20.95 -6.22
CA ASN A 156 -10.06 -20.70 -4.79
C ASN A 156 -9.24 -19.44 -4.47
N ASP A 157 -9.15 -19.13 -3.18
CA ASP A 157 -8.54 -17.87 -2.75
C ASP A 157 -7.04 -17.85 -2.55
N GLY A 158 -6.36 -18.92 -2.98
CA GLY A 158 -4.91 -18.98 -2.87
C GLY A 158 -4.41 -19.66 -1.60
N TYR A 159 -5.26 -19.90 -0.61
CA TYR A 159 -4.80 -20.68 0.54
C TYR A 159 -4.71 -22.18 0.17
N GLU A 160 -3.86 -22.90 0.86
CA GLU A 160 -3.75 -24.33 0.58
C GLU A 160 -5.03 -25.08 0.98
N ILE A 161 -5.34 -26.12 0.21
CA ILE A 161 -6.54 -26.93 0.46
C ILE A 161 -6.18 -28.18 1.23
N ASP A 162 -5.10 -28.84 0.85
CA ASP A 162 -4.73 -30.07 1.56
C ASP A 162 -3.77 -29.76 2.68
N PRO A 163 -3.79 -30.59 3.74
CA PRO A 163 -2.90 -30.35 4.89
C PRO A 163 -1.42 -30.53 4.53
N ALA A 164 -0.55 -29.75 5.18
CA ALA A 164 0.89 -29.83 4.89
C ALA A 164 1.45 -31.24 4.97
N SER A 165 0.97 -32.01 5.96
CA SER A 165 1.45 -33.39 6.16
C SER A 165 1.10 -34.34 5.01
N GLN A 166 0.17 -33.91 4.14
CA GLN A 166 -0.26 -34.72 3.00
C GLN A 166 0.08 -34.11 1.64
N ARG A 167 0.84 -33.01 1.64
CA ARG A 167 1.22 -32.38 0.39
C ARG A 167 2.63 -32.74 -0.04
N ASN A 168 2.91 -32.58 -1.33
CA ASN A 168 4.28 -32.55 -1.85
C ASN A 168 4.33 -31.37 -2.78
N SER A 169 5.42 -31.25 -3.54
CA SER A 169 5.57 -30.12 -4.48
C SER A 169 4.34 -29.87 -5.35
N ARG A 170 3.75 -30.91 -5.97
CA ARG A 170 2.72 -30.59 -6.98
C ARG A 170 1.35 -30.35 -6.35
N TYR A 171 1.19 -30.74 -5.07
CA TYR A 171 -0.08 -30.49 -4.35
C TYR A 171 -0.04 -29.17 -3.58
N THR A 172 1.04 -28.39 -3.74
CA THR A 172 1.20 -27.13 -2.98
C THR A 172 1.11 -25.96 -3.96
N LEU A 173 0.20 -25.03 -3.65
CA LEU A 173 0.00 -23.92 -4.57
C LEU A 173 1.20 -22.92 -4.51
N ASN A 174 1.54 -22.47 -3.28
CA ASN A 174 2.28 -21.21 -3.14
C ASN A 174 3.47 -21.24 -2.23
N ARG A 175 4.31 -20.22 -2.40
CA ARG A 175 5.42 -19.95 -1.48
C ARG A 175 4.85 -19.86 -0.03
N PRO A 176 5.64 -20.30 0.95
CA PRO A 176 5.11 -20.46 2.30
C PRO A 176 4.68 -19.12 2.92
N GLU A 177 3.41 -19.06 3.36
CA GLU A 177 2.83 -17.88 4.01
C GLU A 177 2.75 -16.66 3.10
N LEU A 178 2.93 -16.82 1.78
CA LEU A 178 2.76 -15.67 0.88
C LEU A 178 1.34 -15.15 0.95
N ILE A 179 0.34 -16.07 0.97
CA ILE A 179 -1.07 -15.60 0.96
C ILE A 179 -1.52 -15.44 2.40
N GLY A 180 -2.15 -14.29 2.67
CA GLY A 180 -2.64 -13.99 4.01
C GLY A 180 -3.69 -12.93 3.97
N ASN A 181 -3.88 -12.20 5.07
CA ASN A 181 -4.88 -11.15 5.11
C ASN A 181 -4.44 -9.83 4.51
N GLU A 182 -3.14 -9.66 4.26
CA GLU A 182 -2.63 -8.34 3.94
C GLU A 182 -1.73 -8.32 2.72
N THR A 183 -1.86 -7.29 1.90
CA THR A 183 -0.93 -7.03 0.80
C THR A 183 0.07 -6.01 1.33
N ARG A 184 1.34 -6.40 1.43
CA ARG A 184 2.38 -5.48 1.94
C ARG A 184 3.74 -6.06 1.61
N PRO A 185 4.72 -5.18 1.43
CA PRO A 185 6.09 -5.61 1.21
C PRO A 185 6.82 -5.92 2.53
N TRP A 186 7.99 -6.54 2.37
CA TRP A 186 8.92 -6.69 3.47
C TRP A 186 9.09 -5.34 4.17
N ASN A 187 9.02 -5.33 5.51
CA ASN A 187 9.09 -4.05 6.20
C ASN A 187 9.51 -4.19 7.64
N ILE A 188 10.00 -3.09 8.20
CA ILE A 188 10.19 -2.99 9.65
C ILE A 188 9.16 -2.01 10.21
N SER A 189 8.63 -2.32 11.41
CA SER A 189 7.69 -1.42 12.11
C SER A 189 8.50 -0.49 13.00
N LEU A 190 8.24 0.80 12.90
CA LEU A 190 8.89 1.79 13.76
C LEU A 190 7.82 2.79 14.22
N ASN A 191 8.15 3.61 15.23
CA ASN A 191 7.23 4.70 15.53
C ASN A 191 7.49 5.88 14.59
N TYR A 192 6.44 6.62 14.24
CA TYR A 192 6.64 7.93 13.60
C TYR A 192 6.45 9.00 14.66
N ILE A 193 7.28 10.03 14.56
CA ILE A 193 7.22 11.17 15.50
C ILE A 193 7.12 12.46 14.73
N ILE A 194 6.40 13.42 15.32
CA ILE A 194 6.19 14.72 14.68
C ILE A 194 6.69 15.83 15.60
N LYS A 195 7.35 16.83 15.00
CA LYS A 195 7.90 17.96 15.77
C LYS A 195 6.77 18.94 16.08
N VAL A 196 6.55 19.20 17.38
CA VAL A 196 5.38 20.02 17.76
C VAL A 196 5.75 21.33 18.42
N LYS A 197 6.96 21.44 18.96
CA LYS A 197 7.40 22.71 19.54
C LYS A 197 8.89 22.76 19.61
N GLU A 198 9.43 23.96 19.79
CA GLU A 198 10.86 24.10 20.03
C GLU A 198 11.30 23.58 21.39
#